data_5ANG
#
_entry.id   5ANG
#
_cell.length_a   53.711
_cell.length_b   71.828
_cell.length_c   72.351
_cell.angle_alpha   90.00
_cell.angle_beta   90.00
_cell.angle_gamma   90.00
#
_symmetry.space_group_name_H-M   'P 21 21 21'
#
loop_
_entity.id
_entity.type
_entity.pdbx_description
1 polymer 'CYCLIN-DEPENDENT KINASE 2'
2 non-polymer 7-HYDROXY-4-(MORPHOLINOMETHYL)CHROMEN-2-ONE
3 water water
#
_entity_poly.entity_id   1
_entity_poly.type   'polypeptide(L)'
_entity_poly.pdbx_seq_one_letter_code
;MENFQKVEKIGEGTYGVVYKARNKLTGEVVALKKIRLDTETEGVPSTAIREISLLKELNHPNIVKLLDVIHTENKLYLVF
EFLHQDLKKFMDASALTGIPLPLIKSYLFQLLQGLAFCHSHRVLHRDLKPQNLLINTEGAIKLADFGLARAFGVPVRTYT
HEVVTLWYRAPEILLGCKYYSTAVDIWSLGCIFAEMVTRRALFPGDSEIDQLFRIFRTLGTPDEVVWPGVTSMPDYKPSF
PKWARQDFSKVVPPLDEDGRSLLSQMLHYDPNKRISAKAALAHPFFQDVTKPVPHLRL
;
_entity_poly.pdbx_strand_id   A
#
loop_
_chem_comp.id
_chem_comp.type
_chem_comp.name
_chem_comp.formula
WY3 non-polymer 7-HYDROXY-4-(MORPHOLINOMETHYL)CHROMEN-2-ONE 'C14 H15 N O4'
#
# COMPACT_ATOMS: atom_id res chain seq x y z
N GLU A 2 -16.78 2.53 26.37
CA GLU A 2 -17.33 1.37 27.12
C GLU A 2 -18.52 0.90 26.40
N ASN A 3 -18.92 1.76 25.42
CA ASN A 3 -20.00 1.33 24.67
C ASN A 3 -19.55 0.14 23.76
N PHE A 4 -18.44 -0.64 24.09
CA PHE A 4 -17.94 -1.66 23.08
C PHE A 4 -17.54 -2.99 23.71
N GLN A 5 -18.09 -4.14 23.29
CA GLN A 5 -17.66 -5.46 23.77
C GLN A 5 -16.63 -5.97 22.79
N LYS A 6 -15.42 -6.27 23.28
CA LYS A 6 -14.38 -6.86 22.46
C LYS A 6 -14.81 -8.26 22.07
N VAL A 7 -14.62 -8.61 20.79
CA VAL A 7 -14.88 -9.96 20.28
C VAL A 7 -13.58 -10.73 20.05
N GLU A 8 -12.57 -10.14 19.42
CA GLU A 8 -11.40 -10.86 18.92
C GLU A 8 -10.30 -9.87 18.65
N LYS A 9 -9.06 -10.25 18.94
CA LYS A 9 -7.91 -9.43 18.58
C LYS A 9 -7.66 -9.65 17.10
N ILE A 10 -7.66 -8.59 16.32
CA ILE A 10 -7.41 -8.65 14.88
C ILE A 10 -5.91 -8.50 14.61
N GLY A 11 -5.25 -7.64 15.36
CA GLY A 11 -3.84 -7.42 15.07
C GLY A 11 -3.27 -6.34 15.95
N GLU A 12 -1.96 -6.23 15.93
CA GLU A 12 -1.31 -5.22 16.74
C GLU A 12 -0.52 -4.43 15.71
N GLY A 13 -1.05 -3.26 15.33
CA GLY A 13 -0.39 -2.34 14.39
C GLY A 13 0.55 -1.36 15.09
N GLY A 16 -1.15 1.09 18.15
CA GLY A 16 -1.61 0.19 19.22
C GLY A 16 -2.32 -1.04 18.70
N VAL A 17 -3.21 -1.61 19.52
CA VAL A 17 -3.91 -2.86 19.21
C VAL A 17 -5.27 -2.61 18.56
N VAL A 18 -5.62 -3.53 17.65
CA VAL A 18 -6.91 -3.55 16.91
C VAL A 18 -7.77 -4.76 17.35
N TYR A 19 -8.99 -4.47 17.76
CA TYR A 19 -9.96 -5.47 18.15
C TYR A 19 -11.18 -5.46 17.18
N LYS A 20 -11.77 -6.62 16.91
CA LYS A 20 -13.13 -6.67 16.40
C LYS A 20 -13.98 -6.50 17.63
N ALA A 21 -14.96 -5.60 17.56
CA ALA A 21 -15.77 -5.18 18.70
C ALA A 21 -17.20 -4.97 18.25
N ARG A 22 -18.14 -5.05 19.19
CA ARG A 22 -19.51 -4.66 18.91
C ARG A 22 -19.98 -3.39 19.72
N ASN A 23 -20.63 -2.48 19.03
CA ASN A 23 -21.10 -1.26 19.63
C ASN A 23 -22.40 -1.61 20.32
N LYS A 24 -22.50 -1.39 21.63
CA LYS A 24 -23.62 -1.95 22.41
C LYS A 24 -24.88 -1.10 22.30
N LEU A 25 -24.74 0.09 21.74
CA LEU A 25 -25.91 0.95 21.44
C LEU A 25 -26.39 0.84 19.98
N THR A 26 -25.52 0.54 19.01
CA THR A 26 -25.95 0.38 17.59
C THR A 26 -26.13 -1.07 17.11
N GLY A 27 -25.45 -2.00 17.78
CA GLY A 27 -25.36 -3.35 17.28
C GLY A 27 -24.22 -3.53 16.26
N GLU A 28 -23.61 -2.46 15.80
CA GLU A 28 -22.68 -2.60 14.71
C GLU A 28 -21.39 -3.27 15.17
N VAL A 29 -20.79 -4.04 14.28
CA VAL A 29 -19.53 -4.67 14.54
C VAL A 29 -18.54 -3.74 13.83
N VAL A 30 -17.43 -3.46 14.51
CA VAL A 30 -16.47 -2.50 14.08
C VAL A 30 -15.07 -3.09 14.39
N ALA A 31 -14.05 -2.38 13.87
CA ALA A 31 -12.68 -2.60 14.23
C ALA A 31 -12.32 -1.44 15.18
N LEU A 32 -11.91 -1.82 16.38
CA LEU A 32 -11.61 -0.85 17.42
C LEU A 32 -10.09 -0.74 17.61
N LYS A 33 -9.51 0.40 17.25
CA LYS A 33 -8.09 0.59 17.49
C LYS A 33 -7.86 1.43 18.78
N LYS A 34 -7.24 0.80 19.78
CA LYS A 34 -6.87 1.43 21.05
C LYS A 34 -5.41 1.92 20.89
N ILE A 35 -5.18 3.23 20.98
CA ILE A 35 -3.84 3.79 20.73
C ILE A 35 -2.99 3.79 21.99
N SER A 46 -2.94 16.50 21.39
CA SER A 46 -3.92 17.55 21.09
C SER A 46 -3.88 18.04 19.63
N THR A 47 -2.67 18.37 19.13
CA THR A 47 -2.51 18.67 17.69
C THR A 47 -2.99 17.45 16.88
N ALA A 48 -2.63 16.26 17.38
CA ALA A 48 -3.02 14.97 16.83
C ALA A 48 -4.55 14.68 16.90
N ILE A 49 -5.18 15.09 17.99
CA ILE A 49 -6.63 14.90 18.11
C ILE A 49 -7.36 15.72 17.05
N ARG A 50 -6.82 16.88 16.70
CA ARG A 50 -7.35 17.70 15.63
C ARG A 50 -7.05 17.11 14.24
N GLU A 51 -5.84 16.60 14.04
CA GLU A 51 -5.50 15.97 12.74
C GLU A 51 -6.47 14.80 12.53
N ILE A 52 -6.35 13.83 13.43
CA ILE A 52 -7.12 12.60 13.40
C ILE A 52 -8.61 12.93 13.13
N SER A 53 -9.16 13.87 13.89
CA SER A 53 -10.56 14.36 13.68
C SER A 53 -10.87 14.91 12.24
N LEU A 54 -9.91 15.50 11.54
CA LEU A 54 -10.12 15.87 10.14
C LEU A 54 -10.24 14.62 9.25
N LEU A 55 -9.58 13.52 9.63
CA LEU A 55 -9.68 12.28 8.85
C LEU A 55 -11.02 11.56 8.84
N LYS A 56 -11.91 11.86 9.79
CA LYS A 56 -13.26 11.33 9.76
C LYS A 56 -14.03 11.86 8.57
N GLU A 57 -13.54 12.93 7.96
CA GLU A 57 -14.18 13.49 6.81
C GLU A 57 -13.60 12.91 5.51
N LEU A 58 -12.49 12.20 5.56
CA LEU A 58 -11.91 11.72 4.33
C LEU A 58 -12.66 10.46 3.92
N ASN A 59 -13.78 10.58 3.18
CA ASN A 59 -14.64 9.45 2.88
C ASN A 59 -14.69 9.03 1.40
N HIS A 60 -14.42 7.76 1.10
CA HIS A 60 -14.45 7.26 -0.30
C HIS A 60 -14.67 5.74 -0.30
N PRO A 61 -15.27 5.14 -1.35
CA PRO A 61 -15.59 3.71 -1.33
C PRO A 61 -14.37 2.78 -1.21
N ASN A 62 -13.19 3.27 -1.58
CA ASN A 62 -11.95 2.48 -1.39
C ASN A 62 -11.03 2.91 -0.24
N ILE A 63 -11.57 3.63 0.72
CA ILE A 63 -10.98 3.90 2.01
C ILE A 63 -11.83 3.36 3.13
N VAL A 64 -11.23 2.64 4.07
CA VAL A 64 -11.97 2.14 5.22
C VAL A 64 -12.49 3.35 6.03
N LYS A 65 -13.77 3.34 6.36
CA LYS A 65 -14.35 4.50 7.03
C LYS A 65 -13.91 4.61 8.49
N LEU A 66 -13.47 5.77 8.88
CA LEU A 66 -13.30 6.03 10.32
C LEU A 66 -14.66 6.54 10.86
N LEU A 67 -15.28 5.74 11.70
CA LEU A 67 -16.64 6.04 12.18
C LEU A 67 -16.65 7.04 13.27
N ASP A 68 -15.70 6.94 14.19
CA ASP A 68 -15.75 7.72 15.43
C ASP A 68 -14.34 7.82 15.96
N VAL A 69 -13.98 8.96 16.56
CA VAL A 69 -12.74 9.08 17.34
C VAL A 69 -13.14 9.42 18.81
N ILE A 70 -12.77 8.55 19.74
CA ILE A 70 -13.19 8.64 21.14
C ILE A 70 -11.96 8.88 22.01
N HIS A 71 -11.89 10.11 22.55
CA HIS A 71 -10.84 10.47 23.50
C HIS A 71 -11.45 10.51 24.91
N THR A 72 -11.15 9.55 25.79
CA THR A 72 -11.70 9.49 27.15
C THR A 72 -10.63 8.90 28.07
N LEU A 76 -7.55 7.37 23.67
CA LEU A 76 -7.75 7.41 22.20
C LEU A 76 -8.09 6.09 21.49
N TYR A 77 -9.36 5.92 21.16
CA TYR A 77 -9.86 4.76 20.43
C TYR A 77 -10.35 5.30 19.12
N LEU A 78 -9.99 4.62 18.02
CA LEU A 78 -10.43 4.98 16.67
C LEU A 78 -11.35 3.82 16.24
N VAL A 79 -12.54 4.12 15.76
CA VAL A 79 -13.56 3.11 15.50
C VAL A 79 -13.73 3.05 13.99
N PHE A 80 -13.35 1.92 13.41
CA PHE A 80 -13.33 1.77 11.93
C PHE A 80 -14.43 0.78 11.48
N GLU A 81 -14.91 1.00 10.28
CA GLU A 81 -15.69 -0.02 9.49
C GLU A 81 -14.92 -1.33 9.56
N PHE A 82 -15.64 -2.41 9.81
CA PHE A 82 -15.06 -3.73 9.89
C PHE A 82 -15.10 -4.42 8.52
N LEU A 83 -13.97 -5.01 8.11
CA LEU A 83 -13.88 -5.90 6.91
C LEU A 83 -13.22 -7.20 7.36
N HIS A 84 -13.71 -8.32 6.87
CA HIS A 84 -13.29 -9.64 7.35
C HIS A 84 -11.96 -10.18 6.84
N GLN A 85 -11.50 -9.74 5.68
CA GLN A 85 -10.26 -10.31 5.14
C GLN A 85 -9.31 -9.24 4.61
N ASP A 86 -8.03 -9.52 4.67
CA ASP A 86 -7.04 -8.60 4.07
C ASP A 86 -6.33 -9.28 2.88
N LEU A 87 -5.64 -8.47 2.05
CA LEU A 87 -4.98 -8.99 0.90
C LEU A 87 -3.88 -9.95 1.22
N LYS A 88 -3.19 -9.78 2.33
CA LYS A 88 -2.14 -10.74 2.70
C LYS A 88 -2.72 -12.18 2.87
N LYS A 89 -3.81 -12.26 3.64
CA LYS A 89 -4.48 -13.56 3.85
C LYS A 89 -5.03 -14.12 2.52
N PHE A 90 -5.51 -13.25 1.66
CA PHE A 90 -6.11 -13.67 0.43
C PHE A 90 -5.00 -14.18 -0.49
N MET A 91 -3.87 -13.49 -0.56
CA MET A 91 -2.70 -13.98 -1.30
C MET A 91 -2.14 -15.33 -0.77
N ASP A 92 -2.10 -15.51 0.53
CA ASP A 92 -1.69 -16.82 1.09
C ASP A 92 -2.70 -17.90 0.71
N ALA A 93 -3.99 -17.64 0.86
CA ALA A 93 -5.01 -18.55 0.32
C ALA A 93 -4.94 -18.78 -1.20
N SER A 94 -4.51 -17.82 -2.01
CA SER A 94 -4.47 -17.99 -3.48
C SER A 94 -3.14 -18.53 -4.03
N ALA A 95 -2.23 -18.91 -3.15
CA ALA A 95 -0.85 -19.17 -3.48
C ALA A 95 -0.61 -20.34 -4.47
N LEU A 96 -1.45 -21.38 -4.46
CA LEU A 96 -1.24 -22.52 -5.35
C LEU A 96 -1.64 -22.10 -6.74
N THR A 97 -2.66 -21.27 -6.86
CA THR A 97 -3.15 -20.89 -8.15
C THR A 97 -2.84 -19.47 -8.62
N GLY A 98 -2.70 -18.54 -7.70
CA GLY A 98 -2.47 -17.14 -8.04
C GLY A 98 -3.81 -16.43 -8.16
N ILE A 99 -3.83 -15.16 -7.83
CA ILE A 99 -5.05 -14.36 -8.00
C ILE A 99 -5.25 -14.20 -9.51
N PRO A 100 -6.49 -14.38 -10.02
CA PRO A 100 -6.68 -14.20 -11.45
C PRO A 100 -6.35 -12.76 -11.88
N LEU A 101 -5.77 -12.61 -13.06
CA LEU A 101 -5.40 -11.29 -13.56
C LEU A 101 -6.55 -10.28 -13.55
N PRO A 102 -7.77 -10.69 -13.95
CA PRO A 102 -8.82 -9.60 -13.97
C PRO A 102 -9.10 -9.06 -12.54
N LEU A 103 -8.90 -9.90 -11.55
CA LEU A 103 -9.08 -9.49 -10.14
C LEU A 103 -7.89 -8.69 -9.63
N ILE A 104 -6.68 -9.06 -10.04
CA ILE A 104 -5.48 -8.19 -9.78
C ILE A 104 -5.68 -6.82 -10.33
N LYS A 105 -6.14 -6.76 -11.58
CA LYS A 105 -6.33 -5.48 -12.25
C LYS A 105 -7.45 -4.66 -11.61
N SER A 106 -8.53 -5.31 -11.17
CA SER A 106 -9.60 -4.66 -10.49
C SER A 106 -9.13 -4.08 -9.15
N TYR A 107 -8.43 -4.85 -8.36
CA TYR A 107 -7.84 -4.37 -7.10
C TYR A 107 -6.85 -3.21 -7.31
N LEU A 108 -5.96 -3.37 -8.27
CA LEU A 108 -5.01 -2.27 -8.59
C LEU A 108 -5.74 -0.98 -8.93
N PHE A 109 -6.75 -1.10 -9.78
CA PHE A 109 -7.51 0.07 -10.25
C PHE A 109 -8.25 0.71 -9.09
N GLN A 110 -8.88 -0.09 -8.24
CA GLN A 110 -9.59 0.45 -7.06
C GLN A 110 -8.66 1.17 -6.06
N LEU A 111 -7.48 0.58 -5.83
CA LEU A 111 -6.51 1.20 -4.91
C LEU A 111 -5.99 2.55 -5.46
N LEU A 112 -5.77 2.58 -6.78
CA LEU A 112 -5.39 3.83 -7.46
C LEU A 112 -6.50 4.92 -7.35
N GLN A 113 -7.76 4.50 -7.36
CA GLN A 113 -8.85 5.51 -7.15
C GLN A 113 -8.80 6.04 -5.74
N GLY A 114 -8.58 5.15 -4.76
CA GLY A 114 -8.51 5.51 -3.39
C GLY A 114 -7.36 6.46 -3.16
N LEU A 115 -6.21 6.09 -3.77
CA LEU A 115 -5.04 6.93 -3.60
C LEU A 115 -5.22 8.27 -4.27
N ALA A 116 -5.77 8.29 -5.48
CA ALA A 116 -5.94 9.58 -6.17
C ALA A 116 -6.77 10.51 -5.30
N PHE A 117 -7.81 9.94 -4.73
CA PHE A 117 -8.61 10.72 -3.77
C PHE A 117 -7.85 11.27 -2.52
N CYS A 118 -7.12 10.41 -1.83
CA CYS A 118 -6.33 10.83 -0.70
C CYS A 118 -5.35 11.93 -1.12
N HIS A 119 -4.65 11.62 -2.21
CA HIS A 119 -3.62 12.50 -2.70
C HIS A 119 -4.17 13.89 -3.14
N SER A 120 -5.36 13.90 -3.73
CA SER A 120 -6.01 15.17 -4.11
C SER A 120 -6.41 15.99 -2.87
N HIS A 121 -6.55 15.34 -1.72
CA HIS A 121 -6.77 16.00 -0.43
C HIS A 121 -5.53 16.15 0.44
N ARG A 122 -4.37 15.99 -0.16
CA ARG A 122 -3.05 16.06 0.48
C ARG A 122 -2.84 15.10 1.63
N VAL A 123 -3.43 13.92 1.54
CA VAL A 123 -3.29 12.95 2.56
C VAL A 123 -2.47 11.80 1.96
N LEU A 124 -1.39 11.43 2.64
CA LEU A 124 -0.58 10.31 2.19
C LEU A 124 -0.87 9.13 3.11
N HIS A 125 -0.78 7.92 2.58
CA HIS A 125 -0.89 6.73 3.45
C HIS A 125 0.43 6.49 4.21
N ARG A 126 1.55 6.39 3.48
CA ARG A 126 2.95 6.25 4.03
C ARG A 126 3.41 4.83 4.37
N ASP A 127 2.45 3.91 4.56
CA ASP A 127 2.78 2.57 4.97
C ASP A 127 1.87 1.51 4.35
N LEU A 128 1.70 1.58 3.04
CA LEU A 128 0.89 0.60 2.38
C LEU A 128 1.53 -0.78 2.43
N LYS A 129 0.72 -1.79 2.72
CA LYS A 129 1.14 -3.16 2.63
C LYS A 129 -0.03 -4.10 2.53
N PRO A 130 0.21 -5.33 2.10
CA PRO A 130 -0.94 -6.24 1.89
C PRO A 130 -1.84 -6.38 3.14
N GLN A 131 -1.25 -6.34 4.31
CA GLN A 131 -1.97 -6.48 5.57
C GLN A 131 -2.97 -5.37 5.81
N ASN A 132 -2.74 -4.19 5.23
CA ASN A 132 -3.70 -3.11 5.45
C ASN A 132 -4.56 -2.75 4.26
N LEU A 133 -4.61 -3.67 3.31
CA LEU A 133 -5.57 -3.60 2.24
C LEU A 133 -6.66 -4.64 2.52
N LEU A 134 -7.87 -4.13 2.70
CA LEU A 134 -8.98 -4.95 3.20
C LEU A 134 -9.96 -5.22 2.06
N ILE A 135 -10.50 -6.44 1.99
CA ILE A 135 -11.32 -6.84 0.90
C ILE A 135 -12.67 -7.37 1.45
N ASN A 136 -13.69 -7.25 0.65
CA ASN A 136 -14.98 -7.85 0.99
C ASN A 136 -15.54 -8.76 -0.13
N THR A 137 -16.76 -9.25 0.12
CA THR A 137 -17.39 -10.24 -0.72
C THR A 137 -17.88 -9.65 -2.05
N GLU A 138 -18.04 -8.34 -2.10
CA GLU A 138 -18.56 -7.68 -3.29
C GLU A 138 -17.47 -7.39 -4.32
N GLY A 139 -16.23 -7.76 -4.07
CA GLY A 139 -15.15 -7.38 -4.97
C GLY A 139 -14.46 -6.05 -4.68
N ALA A 140 -14.73 -5.43 -3.53
CA ALA A 140 -14.10 -4.17 -3.20
C ALA A 140 -12.79 -4.48 -2.46
N ILE A 141 -11.87 -3.50 -2.55
CA ILE A 141 -10.63 -3.49 -1.76
C ILE A 141 -10.49 -2.07 -1.20
N LYS A 142 -10.02 -1.94 0.02
CA LYS A 142 -9.96 -0.65 0.70
C LYS A 142 -8.64 -0.42 1.45
N LEU A 143 -8.20 0.85 1.43
CA LEU A 143 -7.06 1.31 2.15
C LEU A 143 -7.41 1.44 3.62
N ALA A 144 -6.59 0.85 4.45
CA ALA A 144 -6.76 0.97 5.87
C ALA A 144 -5.46 1.35 6.58
N ASP A 145 -5.56 1.67 7.86
CA ASP A 145 -4.40 1.79 8.69
C ASP A 145 -3.38 2.83 8.18
N PHE A 146 -3.90 4.01 7.91
CA PHE A 146 -3.11 5.07 7.43
C PHE A 146 -2.08 5.38 8.47
N GLY A 147 -0.92 5.78 7.99
CA GLY A 147 0.11 6.17 8.87
C GLY A 147 -0.01 7.65 8.97
N LEU A 148 -0.03 8.09 10.23
CA LEU A 148 0.13 9.46 10.64
C LEU A 148 1.60 9.71 10.79
N VAL A 163 8.26 -6.78 14.46
CA VAL A 163 9.17 -6.22 13.45
C VAL A 163 8.45 -5.31 12.43
N VAL A 164 9.06 -4.18 12.16
CA VAL A 164 8.52 -3.24 11.15
C VAL A 164 8.76 -3.91 9.80
N THR A 165 7.78 -3.93 8.92
CA THR A 165 8.04 -4.46 7.55
C THR A 165 8.51 -3.35 6.58
N LEU A 166 9.69 -3.54 5.96
CA LEU A 166 10.29 -2.49 5.05
C LEU A 166 10.07 -2.78 3.55
N TRP A 167 9.42 -3.94 3.22
CA TRP A 167 9.38 -4.45 1.92
C TRP A 167 8.76 -3.51 0.91
N TYR A 168 7.91 -2.61 1.35
CA TYR A 168 7.12 -1.71 0.45
C TYR A 168 7.56 -0.25 0.55
N ARG A 169 8.66 0.01 1.28
CA ARG A 169 9.15 1.32 1.47
C ARG A 169 9.84 1.90 0.21
N ALA A 170 9.52 3.17 -0.14
CA ALA A 170 10.10 3.82 -1.32
C ALA A 170 11.59 4.12 -1.02
N PRO A 171 12.41 4.15 -2.06
CA PRO A 171 13.83 4.42 -1.84
C PRO A 171 14.13 5.80 -1.22
N GLU A 172 13.35 6.82 -1.52
CA GLU A 172 13.58 8.16 -0.88
C GLU A 172 13.40 8.12 0.66
N ILE A 173 12.54 7.23 1.15
CA ILE A 173 12.35 7.04 2.57
C ILE A 173 13.55 6.29 3.13
N LEU A 174 13.96 5.22 2.48
CA LEU A 174 15.15 4.45 2.92
C LEU A 174 16.43 5.29 2.91
N LEU A 175 16.53 6.24 2.00
CA LEU A 175 17.66 7.16 1.92
C LEU A 175 17.56 8.43 2.82
N GLY A 176 16.56 8.48 3.68
CA GLY A 176 16.51 9.44 4.79
C GLY A 176 15.85 10.75 4.40
N CYS A 177 15.04 10.74 3.35
CA CYS A 177 14.37 11.95 2.97
C CYS A 177 13.23 12.16 3.96
N LYS A 178 13.17 13.36 4.51
CA LYS A 178 12.27 13.71 5.59
C LYS A 178 10.99 14.27 5.00
N TYR A 179 11.05 14.76 3.77
CA TYR A 179 9.96 15.53 3.16
C TYR A 179 9.48 14.86 1.89
N TYR A 180 9.15 13.62 2.04
CA TYR A 180 8.75 12.85 0.90
C TYR A 180 7.22 13.14 0.51
N SER A 181 6.82 12.59 -0.62
CA SER A 181 5.60 13.02 -1.32
C SER A 181 4.63 11.85 -1.50
N THR A 182 3.48 12.18 -2.05
CA THR A 182 2.50 11.18 -2.54
C THR A 182 3.13 10.04 -3.31
N ALA A 183 4.24 10.28 -3.99
CA ALA A 183 4.89 9.23 -4.72
C ALA A 183 5.28 8.01 -3.89
N VAL A 184 5.45 8.18 -2.57
CA VAL A 184 5.86 6.99 -1.78
C VAL A 184 4.76 5.94 -1.87
N ASP A 185 3.52 6.38 -1.96
CA ASP A 185 2.42 5.40 -1.96
C ASP A 185 2.32 4.65 -3.26
N ILE A 186 2.66 5.30 -4.36
CA ILE A 186 2.65 4.70 -5.71
C ILE A 186 3.74 3.59 -5.72
N TRP A 187 4.92 3.89 -5.16
CA TRP A 187 5.96 2.85 -5.06
C TRP A 187 5.46 1.61 -4.31
N SER A 188 4.90 1.81 -3.10
CA SER A 188 4.33 0.71 -2.28
C SER A 188 3.37 -0.09 -3.07
N LEU A 189 2.44 0.62 -3.75
CA LEU A 189 1.47 -0.11 -4.53
C LEU A 189 2.06 -0.87 -5.73
N GLY A 190 3.09 -0.35 -6.37
CA GLY A 190 3.76 -1.08 -7.38
C GLY A 190 4.36 -2.40 -6.86
N CYS A 191 5.03 -2.36 -5.70
CA CYS A 191 5.56 -3.55 -5.00
C CYS A 191 4.47 -4.61 -4.71
N ILE A 192 3.31 -4.12 -4.29
CA ILE A 192 2.12 -5.02 -4.07
C ILE A 192 1.60 -5.64 -5.36
N PHE A 193 1.48 -4.84 -6.43
CA PHE A 193 1.04 -5.27 -7.75
C PHE A 193 1.95 -6.41 -8.19
N ALA A 194 3.26 -6.18 -8.10
CA ALA A 194 4.30 -7.25 -8.47
C ALA A 194 4.11 -8.55 -7.71
N GLU A 195 3.84 -8.41 -6.44
CA GLU A 195 3.61 -9.55 -5.53
C GLU A 195 2.30 -10.31 -5.83
N MET A 196 1.23 -9.61 -6.14
CA MET A 196 0.03 -10.30 -6.58
C MET A 196 0.29 -11.15 -7.83
N VAL A 197 1.06 -10.59 -8.75
CA VAL A 197 1.34 -11.23 -10.03
C VAL A 197 2.22 -12.43 -9.88
N THR A 198 3.29 -12.29 -9.14
CA THR A 198 4.29 -13.35 -9.04
C THR A 198 4.14 -14.34 -7.91
N ARG A 199 3.31 -13.98 -6.95
CA ARG A 199 3.13 -14.67 -5.67
C ARG A 199 4.39 -14.71 -4.88
N ARG A 200 5.27 -13.73 -5.05
CA ARG A 200 6.39 -13.59 -4.20
C ARG A 200 6.61 -12.12 -3.88
N ALA A 201 7.08 -11.81 -2.69
CA ALA A 201 7.46 -10.41 -2.39
C ALA A 201 8.53 -9.93 -3.33
N LEU A 202 8.44 -8.68 -3.79
CA LEU A 202 9.36 -8.16 -4.81
C LEU A 202 10.75 -7.90 -4.18
N PHE A 203 10.74 -7.29 -3.02
CA PHE A 203 11.94 -6.77 -2.30
C PHE A 203 11.84 -7.07 -0.83
N PRO A 204 12.00 -8.37 -0.46
CA PRO A 204 11.77 -8.77 0.91
C PRO A 204 13.06 -8.51 1.78
N GLY A 205 13.39 -7.24 2.04
CA GLY A 205 14.53 -6.87 2.83
C GLY A 205 14.25 -7.07 4.31
N ASP A 206 15.31 -7.37 5.05
CA ASP A 206 15.16 -7.50 6.52
C ASP A 206 15.93 -6.46 7.33
N SER A 207 16.48 -5.46 6.66
CA SER A 207 17.01 -4.27 7.32
C SER A 207 16.96 -3.15 6.28
N GLU A 208 17.24 -1.92 6.67
CA GLU A 208 17.09 -0.82 5.71
C GLU A 208 18.09 -0.96 4.62
N ILE A 209 19.31 -1.37 4.97
CA ILE A 209 20.34 -1.56 3.95
C ILE A 209 20.09 -2.75 3.06
N ASP A 210 19.61 -3.85 3.62
CA ASP A 210 19.31 -4.97 2.77
C ASP A 210 18.11 -4.57 1.80
N GLN A 211 17.18 -3.75 2.28
CA GLN A 211 15.99 -3.34 1.46
C GLN A 211 16.50 -2.55 0.28
N LEU A 212 17.39 -1.63 0.60
CA LEU A 212 17.94 -0.78 -0.38
C LEU A 212 18.75 -1.57 -1.42
N PHE A 213 19.63 -2.51 -0.97
CA PHE A 213 20.40 -3.29 -1.90
C PHE A 213 19.60 -4.25 -2.71
N ARG A 214 18.53 -4.74 -2.14
CA ARG A 214 17.61 -5.58 -2.94
C ARG A 214 16.95 -4.79 -4.07
N ILE A 215 16.56 -3.58 -3.77
CA ILE A 215 16.05 -2.65 -4.80
C ILE A 215 17.12 -2.38 -5.82
N PHE A 216 18.34 -2.07 -5.36
CA PHE A 216 19.42 -1.72 -6.29
C PHE A 216 19.77 -2.91 -7.24
N ARG A 217 19.78 -4.12 -6.65
CA ARG A 217 20.12 -5.33 -7.43
C ARG A 217 19.15 -5.57 -8.57
N THR A 218 17.90 -5.18 -8.36
CA THR A 218 16.88 -5.35 -9.42
C THR A 218 16.81 -4.15 -10.38
N LEU A 219 16.71 -2.94 -9.84
CA LEU A 219 16.50 -1.77 -10.69
C LEU A 219 17.76 -1.03 -11.13
N GLY A 220 18.90 -1.47 -10.62
CA GLY A 220 20.17 -0.79 -10.82
C GLY A 220 20.46 0.14 -9.66
N THR A 221 21.73 0.35 -9.31
CA THR A 221 22.03 1.39 -8.31
C THR A 221 21.69 2.71 -8.94
N PRO A 222 20.86 3.52 -8.26
CA PRO A 222 20.57 4.83 -8.85
C PRO A 222 21.75 5.81 -8.88
N ASP A 223 21.70 6.75 -9.82
CA ASP A 223 22.73 7.73 -9.98
C ASP A 223 22.07 9.00 -10.39
N GLU A 224 22.84 10.07 -10.52
CA GLU A 224 22.31 11.36 -10.86
C GLU A 224 21.66 11.41 -12.25
N VAL A 225 22.01 10.49 -13.17
CA VAL A 225 21.38 10.43 -14.52
C VAL A 225 19.88 10.06 -14.40
N VAL A 226 19.60 9.00 -13.68
CA VAL A 226 18.19 8.56 -13.50
C VAL A 226 17.42 9.25 -12.35
N TRP A 227 18.15 9.75 -11.36
CA TRP A 227 17.54 10.39 -10.22
C TRP A 227 18.34 11.61 -9.80
N PRO A 228 18.06 12.75 -10.43
CA PRO A 228 18.83 13.93 -10.08
C PRO A 228 18.64 14.30 -8.62
N GLY A 229 19.75 14.53 -7.91
CA GLY A 229 19.73 14.89 -6.53
C GLY A 229 19.88 13.70 -5.61
N VAL A 230 19.90 12.49 -6.15
CA VAL A 230 20.00 11.29 -5.35
C VAL A 230 21.26 11.33 -4.44
N THR A 231 22.35 11.89 -4.96
CA THR A 231 23.68 11.72 -4.29
C THR A 231 23.72 12.68 -3.14
N SER A 232 22.71 13.52 -3.03
CA SER A 232 22.48 14.41 -1.87
C SER A 232 21.47 13.95 -0.85
N MET A 233 20.88 12.78 -1.00
CA MET A 233 19.90 12.32 -0.02
C MET A 233 20.72 12.12 1.31
N PRO A 234 20.10 12.31 2.49
CA PRO A 234 20.81 12.24 3.78
C PRO A 234 21.63 10.96 3.97
N ASP A 235 21.20 9.80 3.49
CA ASP A 235 21.84 8.54 3.81
C ASP A 235 22.50 7.91 2.61
N TYR A 236 22.56 8.67 1.52
CA TYR A 236 23.25 8.18 0.33
C TYR A 236 24.74 8.11 0.65
N LYS A 237 25.37 7.03 0.24
CA LYS A 237 26.83 6.84 0.36
C LYS A 237 27.39 6.63 -1.00
N PRO A 238 28.50 7.33 -1.31
CA PRO A 238 29.16 7.07 -2.55
C PRO A 238 29.67 5.65 -2.63
N SER A 239 29.88 5.02 -1.48
CA SER A 239 30.43 3.67 -1.46
C SER A 239 29.40 2.58 -1.73
N PHE A 240 28.13 2.92 -2.00
CA PHE A 240 27.17 1.88 -2.31
C PHE A 240 27.66 1.04 -3.45
N PRO A 241 27.40 -0.23 -3.40
CA PRO A 241 27.86 -0.98 -4.61
C PRO A 241 27.04 -0.60 -5.85
N LYS A 242 27.65 -0.77 -7.04
CA LYS A 242 27.01 -0.31 -8.31
C LYS A 242 26.52 -1.50 -9.08
N TRP A 243 25.24 -1.84 -8.92
CA TRP A 243 24.66 -2.95 -9.67
C TRP A 243 24.05 -2.41 -10.91
N ALA A 244 24.11 -3.24 -11.95
CA ALA A 244 23.43 -2.92 -13.20
C ALA A 244 21.93 -3.27 -13.13
N ARG A 245 21.10 -2.56 -13.87
CA ARG A 245 19.70 -2.85 -13.88
C ARG A 245 19.35 -4.21 -14.50
N GLN A 246 18.39 -4.94 -13.93
CA GLN A 246 17.80 -6.10 -14.61
C GLN A 246 16.69 -5.67 -15.53
N ASP A 247 16.50 -6.49 -16.52
CA ASP A 247 15.39 -6.37 -17.42
C ASP A 247 14.14 -6.83 -16.69
N PHE A 248 13.09 -6.03 -16.80
CA PHE A 248 11.79 -6.24 -16.20
C PHE A 248 11.03 -7.48 -16.55
N SER A 249 11.23 -7.96 -17.78
CA SER A 249 10.62 -9.21 -18.24
C SER A 249 11.04 -10.36 -17.29
N LYS A 250 12.21 -10.25 -16.69
CA LYS A 250 12.67 -11.18 -15.66
C LYS A 250 11.97 -10.99 -14.26
N VAL A 251 11.52 -9.78 -14.00
CA VAL A 251 11.01 -9.39 -12.68
C VAL A 251 9.55 -9.82 -12.41
N VAL A 252 8.65 -9.64 -13.36
CA VAL A 252 7.25 -10.01 -13.14
C VAL A 252 6.68 -10.86 -14.29
N PRO A 253 7.43 -11.86 -14.76
CA PRO A 253 6.75 -12.81 -15.68
C PRO A 253 5.55 -13.44 -14.97
N PRO A 254 4.44 -13.66 -15.67
CA PRO A 254 4.21 -13.49 -17.09
C PRO A 254 3.26 -12.31 -17.37
N LEU A 255 3.40 -11.24 -16.60
CA LEU A 255 2.69 -9.99 -16.87
C LEU A 255 2.91 -9.45 -18.30
N ASP A 256 1.85 -9.05 -18.97
CA ASP A 256 1.91 -8.54 -20.35
C ASP A 256 2.57 -7.15 -20.38
N GLU A 257 2.82 -6.65 -21.58
CA GLU A 257 3.61 -5.44 -21.74
C GLU A 257 2.91 -4.21 -21.17
N ASP A 258 1.57 -4.20 -21.24
CA ASP A 258 0.85 -3.07 -20.65
C ASP A 258 1.12 -2.99 -19.14
N GLY A 259 0.94 -4.14 -18.48
CA GLY A 259 1.20 -4.22 -17.05
C GLY A 259 2.63 -3.91 -16.64
N ARG A 260 3.59 -4.44 -17.37
CA ARG A 260 5.04 -4.22 -17.07
C ARG A 260 5.38 -2.72 -17.26
N SER A 261 4.86 -2.11 -18.31
CA SER A 261 4.98 -0.67 -18.55
C SER A 261 4.42 0.13 -17.39
N LEU A 262 3.22 -0.20 -16.90
CA LEU A 262 2.69 0.56 -15.76
C LEU A 262 3.53 0.33 -14.50
N LEU A 263 3.90 -0.91 -14.25
CA LEU A 263 4.75 -1.22 -13.13
C LEU A 263 6.06 -0.49 -13.17
N SER A 264 6.68 -0.39 -14.36
CA SER A 264 7.97 0.36 -14.43
C SER A 264 7.82 1.82 -14.10
N GLN A 265 6.70 2.42 -14.46
CA GLN A 265 6.43 3.77 -14.09
C GLN A 265 6.10 3.99 -12.60
N MET A 266 5.54 2.99 -11.92
CA MET A 266 5.29 3.07 -10.53
C MET A 266 6.55 2.91 -9.72
N LEU A 267 7.58 2.27 -10.32
CA LEU A 267 8.84 1.99 -9.61
C LEU A 267 9.95 2.83 -10.11
N HIS A 268 9.59 3.96 -10.70
CA HIS A 268 10.59 4.89 -11.10
C HIS A 268 11.35 5.43 -9.85
N TYR A 269 12.68 5.52 -9.95
CA TYR A 269 13.46 6.00 -8.82
C TYR A 269 13.08 7.42 -8.42
N ASP A 270 13.15 8.31 -9.38
CA ASP A 270 12.88 9.70 -9.10
C ASP A 270 11.43 9.93 -8.76
N PRO A 271 11.15 10.38 -7.56
CA PRO A 271 9.73 10.52 -7.22
C PRO A 271 9.02 11.58 -8.02
N ASN A 272 9.76 12.50 -8.65
CA ASN A 272 9.13 13.47 -9.51
C ASN A 272 8.76 12.88 -10.86
N LYS A 273 9.36 11.75 -11.23
CA LYS A 273 9.00 11.11 -12.49
C LYS A 273 8.05 9.92 -12.31
N ARG A 274 7.96 9.42 -11.10
CA ARG A 274 7.07 8.29 -10.81
C ARG A 274 5.63 8.66 -11.20
N ILE A 275 4.88 7.74 -11.80
CA ILE A 275 3.48 8.06 -12.24
C ILE A 275 2.58 8.41 -11.05
N SER A 276 1.70 9.39 -11.25
CA SER A 276 0.72 9.75 -10.23
C SER A 276 -0.44 8.70 -10.26
N ALA A 277 -1.23 8.65 -9.20
CA ALA A 277 -2.38 7.76 -9.14
C ALA A 277 -3.38 8.10 -10.25
N LYS A 278 -3.63 9.41 -10.37
CA LYS A 278 -4.48 9.92 -11.47
C LYS A 278 -4.03 9.51 -12.85
N ALA A 279 -2.75 9.69 -13.18
CA ALA A 279 -2.30 9.32 -14.49
C ALA A 279 -2.31 7.80 -14.69
N ALA A 280 -2.08 7.05 -13.62
CA ALA A 280 -2.05 5.58 -13.73
C ALA A 280 -3.45 5.04 -14.10
N LEU A 281 -4.51 5.72 -13.64
CA LEU A 281 -5.88 5.28 -13.88
C LEU A 281 -6.16 5.37 -15.39
N ALA A 282 -5.43 6.21 -16.12
CA ALA A 282 -5.61 6.36 -17.62
C ALA A 282 -4.72 5.44 -18.41
N HIS A 283 -3.89 4.65 -17.73
CA HIS A 283 -2.96 3.81 -18.41
C HIS A 283 -3.72 2.74 -19.23
N PRO A 284 -3.21 2.38 -20.43
CA PRO A 284 -3.79 1.30 -21.27
C PRO A 284 -4.04 -0.04 -20.58
N PHE A 285 -3.29 -0.36 -19.54
CA PHE A 285 -3.50 -1.57 -18.78
C PHE A 285 -4.96 -1.69 -18.30
N PHE A 286 -5.61 -0.58 -18.00
CA PHE A 286 -6.96 -0.57 -17.49
C PHE A 286 -8.06 -0.48 -18.54
N GLN A 287 -7.71 -0.56 -19.84
CA GLN A 287 -8.69 -0.42 -20.94
C GLN A 287 -9.81 -1.48 -20.84
N ASP A 288 -9.48 -2.70 -20.39
CA ASP A 288 -10.45 -3.76 -20.17
C ASP A 288 -10.73 -4.12 -18.72
N VAL A 289 -10.58 -3.17 -17.80
CA VAL A 289 -10.77 -3.48 -16.36
C VAL A 289 -12.26 -3.80 -16.11
N THR A 290 -12.51 -4.73 -15.21
CA THR A 290 -13.82 -5.11 -14.79
C THR A 290 -13.79 -5.23 -13.25
N LYS A 291 -14.93 -5.62 -12.66
CA LYS A 291 -15.03 -5.85 -11.21
C LYS A 291 -15.47 -7.27 -10.89
N PRO A 292 -14.52 -8.25 -10.93
CA PRO A 292 -14.92 -9.56 -10.50
C PRO A 292 -15.15 -9.67 -9.00
N VAL A 293 -15.81 -10.75 -8.64
CA VAL A 293 -15.94 -11.04 -7.22
C VAL A 293 -14.96 -12.16 -6.79
N PRO A 294 -14.31 -12.01 -5.66
CA PRO A 294 -13.45 -13.14 -5.28
C PRO A 294 -14.25 -14.17 -4.54
N HIS A 295 -13.66 -15.37 -4.44
CA HIS A 295 -14.17 -16.51 -3.62
C HIS A 295 -13.51 -16.39 -2.26
N LEU A 296 -14.28 -15.96 -1.26
CA LEU A 296 -13.73 -15.73 0.11
C LEU A 296 -14.29 -16.75 1.10
N ARG A 297 -13.40 -17.36 1.87
CA ARG A 297 -13.78 -18.14 3.04
C ARG A 297 -13.56 -17.25 4.24
N LEU A 298 -14.64 -16.88 4.91
CA LEU A 298 -14.57 -16.09 6.13
C LEU A 298 -14.77 -17.06 7.30
C1 WY3 B . -6.64 -2.88 10.85
C2 WY3 B . -8.02 -2.98 10.48
C3 WY3 B . -5.85 -4.09 10.89
C4 WY3 B . -6.13 -1.55 11.01
C5 WY3 B . -8.84 -1.85 10.34
C6 WY3 B . -8.65 -4.22 10.27
N7 WY3 B . -4.39 -3.90 11.03
C8 WY3 B . -7.01 -0.45 10.90
O9 WY3 B . -8.32 -0.62 10.54
C10 WY3 B . -10.19 -1.92 9.97
C11 WY3 B . -9.99 -4.32 9.88
C12 WY3 B . -3.88 -5.14 11.61
C13 WY3 B . -3.79 -3.64 9.74
O14 WY3 B . -6.60 0.69 11.10
C15 WY3 B . -10.74 -3.15 9.74
C16 WY3 B . -2.46 -4.86 11.84
C17 WY3 B . -2.24 -3.62 9.82
O18 WY3 B . -12.01 -3.23 9.36
O19 WY3 B . -1.82 -4.75 10.52
#